data_8RDD
#
_entry.id   8RDD
#
_cell.length_a   80.371
_cell.length_b   80.371
_cell.length_c   94.134
_cell.angle_alpha   90
_cell.angle_beta   90
_cell.angle_gamma   120
#
_symmetry.space_group_name_H-M   'P 31 2 1'
#
loop_
_entity.id
_entity.type
_entity.pdbx_description
1 polymer 'Nonsense-mediated decay protein 4'
2 non-polymer GLYCEROL
3 non-polymer 'ACETIC ACID'
4 water water
#
_entity_poly.entity_id   1
_entity_poly.type   'polypeptide(L)'
_entity_poly.pdbx_seq_one_letter_code
;GPGSTQYNFIIDASAFEKGLGNIKRWCSDCTEAVTLNFYIPTFTLNELDFLQQRRKSFAARESLKFIDRLDDSKFANLKV
FIEFPEVLDIILWSDVMEHNDSSGKINIAKLPKRLKNLLKSCIYKCYLEGNEGLHWFLISEDPQIREMAMQCNIPS
(CME)SIVDVDSILSKDM
;
_entity_poly.pdbx_strand_id   B
#
# COMPACT_ATOMS: atom_id res chain seq x y z
N SER A 4 -22.31 0.88 9.01
CA SER A 4 -20.92 1.29 9.17
C SER A 4 -20.02 0.60 8.14
N THR A 5 -19.06 1.35 7.57
CA THR A 5 -18.14 0.79 6.57
C THR A 5 -16.67 1.04 6.93
N GLN A 6 -15.81 0.16 6.46
CA GLN A 6 -14.37 0.28 6.69
C GLN A 6 -13.67 0.00 5.39
N TYR A 7 -12.73 0.87 4.99
CA TYR A 7 -11.93 0.64 3.80
C TYR A 7 -10.54 0.21 4.27
N ASN A 8 -9.98 -0.80 3.61
CA ASN A 8 -8.69 -1.39 3.96
C ASN A 8 -7.71 -1.18 2.82
N PHE A 9 -6.72 -0.30 3.04
CA PHE A 9 -5.75 0.07 2.01
C PHE A 9 -4.31 -0.27 2.33
N ILE A 10 -3.60 -0.79 1.32
CA ILE A 10 -2.15 -0.97 1.37
C ILE A 10 -1.64 0.25 0.58
N ILE A 11 -0.77 1.08 1.17
CA ILE A 11 -0.35 2.31 0.47
C ILE A 11 1.10 2.28 0.07
N ASP A 12 1.36 2.47 -1.23
CA ASP A 12 2.72 2.45 -1.73
C ASP A 12 3.42 3.83 -1.57
N ALA A 13 4.71 3.92 -1.96
CA ALA A 13 5.45 5.18 -1.82
C ALA A 13 4.95 6.29 -2.77
N SER A 14 4.68 5.94 -4.04
CA SER A 14 4.22 6.93 -5.03
C SER A 14 2.90 7.60 -4.64
N ALA A 15 2.01 6.85 -3.94
CA ALA A 15 0.74 7.39 -3.45
C ALA A 15 1.04 8.48 -2.43
N PHE A 16 2.01 8.27 -1.52
CA PHE A 16 2.39 9.30 -0.54
C PHE A 16 3.11 10.47 -1.23
N GLU A 17 4.10 10.18 -2.08
CA GLU A 17 4.87 11.26 -2.73
C GLU A 17 3.99 12.18 -3.60
N LYS A 18 3.03 11.60 -4.32
CA LYS A 18 2.17 12.38 -5.20
C LYS A 18 0.86 12.84 -4.54
N GLY A 19 0.39 12.12 -3.53
CA GLY A 19 -0.90 12.42 -2.94
C GLY A 19 -0.95 12.59 -1.44
N LEU A 20 0.17 12.97 -0.79
CA LEU A 20 0.19 13.18 0.66
C LEU A 20 -0.96 14.11 1.17
N GLY A 21 -1.19 15.24 0.49
CA GLY A 21 -2.27 16.15 0.88
C GLY A 21 -3.65 15.49 0.84
N ASN A 22 -3.90 14.64 -0.18
CA ASN A 22 -5.16 13.90 -0.32
C ASN A 22 -5.30 12.89 0.81
N ILE A 23 -4.24 12.11 1.10
CA ILE A 23 -4.26 11.11 2.17
C ILE A 23 -4.51 11.77 3.56
N LYS A 24 -3.86 12.93 3.84
CA LYS A 24 -4.10 13.64 5.10
C LYS A 24 -5.56 14.04 5.23
N ARG A 25 -6.17 14.47 4.11
CA ARG A 25 -7.57 14.87 4.13
CA ARG A 25 -7.58 14.86 4.08
C ARG A 25 -8.48 13.66 4.44
N TRP A 26 -8.19 12.48 3.83
CA TRP A 26 -8.99 11.26 4.12
C TRP A 26 -8.94 10.95 5.63
N CYS A 27 -7.75 11.05 6.23
CA CYS A 27 -7.52 10.74 7.65
C CYS A 27 -8.26 11.67 8.59
N SER A 28 -8.42 12.95 8.22
CA SER A 28 -9.11 13.89 9.09
CA SER A 28 -9.11 13.94 9.06
C SER A 28 -10.62 13.98 8.81
N ASP A 29 -11.07 13.50 7.64
CA ASP A 29 -12.50 13.51 7.29
C ASP A 29 -13.22 12.18 7.54
N CYS A 30 -12.49 11.10 7.93
CA CYS A 30 -13.15 9.82 8.22
C CYS A 30 -14.02 9.92 9.48
N THR A 31 -15.17 9.25 9.47
CA THR A 31 -16.16 9.35 10.54
C THR A 31 -16.54 7.95 11.12
N GLU A 32 -17.50 7.88 12.08
CA GLU A 32 -17.95 6.59 12.63
C GLU A 32 -18.57 5.74 11.51
N ALA A 33 -19.24 6.39 10.53
CA ALA A 33 -19.86 5.75 9.37
C ALA A 33 -18.80 5.22 8.39
N VAL A 34 -17.67 5.93 8.20
CA VAL A 34 -16.62 5.50 7.28
C VAL A 34 -15.24 5.49 7.98
N THR A 35 -14.74 4.30 8.32
CA THR A 35 -13.45 4.18 8.99
C THR A 35 -12.37 3.71 7.99
N LEU A 36 -11.12 4.07 8.25
CA LEU A 36 -10.01 3.74 7.37
C LEU A 36 -9.02 2.84 8.09
N ASN A 37 -8.49 1.86 7.37
CA ASN A 37 -7.57 0.88 7.92
C ASN A 37 -6.38 0.77 6.95
N PHE A 38 -5.22 1.27 7.36
CA PHE A 38 -4.04 1.31 6.49
C PHE A 38 -2.98 0.27 6.85
N TYR A 39 -2.35 -0.30 5.84
CA TYR A 39 -1.21 -1.19 6.03
C TYR A 39 -0.05 -0.58 5.24
N ILE A 40 1.05 -0.29 5.92
CA ILE A 40 2.23 0.30 5.28
C ILE A 40 3.32 -0.77 5.09
N PRO A 41 3.56 -1.22 3.86
CA PRO A 41 4.60 -2.24 3.63
C PRO A 41 6.01 -1.69 3.76
N THR A 42 6.97 -2.60 3.96
CA THR A 42 8.40 -2.27 4.03
C THR A 42 8.84 -1.55 2.76
N PHE A 43 8.30 -1.96 1.58
CA PHE A 43 8.58 -1.28 0.31
C PHE A 43 8.39 0.26 0.42
N THR A 44 7.27 0.69 1.01
CA THR A 44 6.91 2.09 1.13
C THR A 44 7.94 2.85 1.97
N LEU A 45 8.28 2.33 3.15
CA LEU A 45 9.26 2.98 4.01
C LEU A 45 10.63 3.09 3.31
N ASN A 46 11.09 2.00 2.66
CA ASN A 46 12.39 2.00 1.98
C ASN A 46 12.41 2.94 0.78
N GLU A 47 11.33 2.94 -0.02
CA GLU A 47 11.27 3.78 -1.21
C GLU A 47 11.13 5.27 -0.87
N LEU A 48 10.35 5.59 0.18
CA LEU A 48 10.25 7.00 0.61
C LEU A 48 11.62 7.47 1.17
N ASP A 49 12.35 6.58 1.87
CA ASP A 49 13.68 6.94 2.37
C ASP A 49 14.63 7.19 1.19
N PHE A 50 14.55 6.36 0.13
CA PHE A 50 15.36 6.54 -1.07
C PHE A 50 15.04 7.91 -1.72
N LEU A 51 13.75 8.21 -1.90
CA LEU A 51 13.31 9.46 -2.53
C LEU A 51 13.77 10.69 -1.73
N GLN A 52 13.66 10.64 -0.40
CA GLN A 52 14.06 11.74 0.47
C GLN A 52 15.60 11.96 0.43
N GLN A 53 16.39 10.89 0.47
CA GLN A 53 17.86 10.94 0.50
C GLN A 53 18.49 11.15 -0.89
N ARG A 54 18.20 10.29 -1.86
CA ARG A 54 18.78 10.34 -3.18
C ARG A 54 18.12 11.33 -4.13
N ARG A 55 16.80 11.58 -4.00
CA ARG A 55 16.14 12.53 -4.91
C ARG A 55 15.81 13.88 -4.25
N LYS A 56 16.17 14.07 -2.95
CA LYS A 56 15.87 15.26 -2.16
C LYS A 56 14.37 15.63 -2.25
N SER A 57 13.52 14.61 -2.20
CA SER A 57 12.08 14.80 -2.31
C SER A 57 11.49 15.39 -1.03
N PHE A 58 10.98 16.62 -1.11
CA PHE A 58 10.33 17.24 0.04
C PHE A 58 9.09 16.43 0.46
N ALA A 59 8.24 16.05 -0.51
CA ALA A 59 7.03 15.28 -0.22
C ALA A 59 7.33 13.91 0.40
N ALA A 60 8.44 13.24 -0.01
CA ALA A 60 8.76 11.95 0.59
C ALA A 60 9.21 12.13 2.04
N ARG A 61 10.00 13.18 2.32
CA ARG A 61 10.44 13.48 3.68
C ARG A 61 9.22 13.78 4.58
N GLU A 62 8.27 14.61 4.09
CA GLU A 62 7.06 14.93 4.85
C GLU A 62 6.17 13.71 5.03
N SER A 63 6.14 12.79 4.05
CA SER A 63 5.34 11.56 4.12
C SER A 63 5.83 10.66 5.25
N LEU A 64 7.16 10.52 5.40
CA LEU A 64 7.71 9.70 6.48
C LEU A 64 7.37 10.29 7.86
N LYS A 65 7.38 11.62 7.98
CA LYS A 65 7.01 12.28 9.24
C LYS A 65 5.51 12.08 9.52
N PHE A 66 4.67 12.12 8.48
CA PHE A 66 3.23 11.90 8.64
C PHE A 66 2.97 10.44 9.06
N ILE A 67 3.70 9.48 8.48
CA ILE A 67 3.53 8.06 8.84
C ILE A 67 3.88 7.84 10.33
N ASP A 68 4.94 8.50 10.82
CA ASP A 68 5.33 8.47 12.23
C ASP A 68 4.20 9.01 13.10
N ARG A 69 3.58 10.13 12.68
CA ARG A 69 2.44 10.71 13.40
C ARG A 69 1.26 9.73 13.46
N LEU A 70 0.93 9.09 12.34
CA LEU A 70 -0.13 8.10 12.25
C LEU A 70 0.13 6.93 13.20
N ASP A 71 1.37 6.42 13.23
CA ASP A 71 1.72 5.26 14.05
C ASP A 71 1.85 5.60 15.55
N ASP A 72 2.14 6.87 15.88
CA ASP A 72 2.32 7.29 17.27
C ASP A 72 1.02 7.72 17.92
N SER A 73 0.16 8.42 17.17
CA SER A 73 -1.08 8.96 17.70
C SER A 73 -2.28 8.11 17.29
N LYS A 74 -3.30 8.05 18.16
CA LYS A 74 -4.50 7.30 17.84
C LYS A 74 -5.60 8.22 17.34
N PHE A 75 -5.63 8.42 16.01
CA PHE A 75 -6.59 9.25 15.28
C PHE A 75 -7.97 8.58 15.37
N ALA A 76 -9.04 9.38 15.35
CA ALA A 76 -10.40 8.83 15.41
C ALA A 76 -10.80 8.16 14.10
N ASN A 77 -11.34 6.93 14.20
CA ASN A 77 -11.85 6.13 13.07
C ASN A 77 -10.78 5.76 12.05
N LEU A 78 -9.53 5.64 12.51
CA LEU A 78 -8.39 5.34 11.66
C LEU A 78 -7.47 4.35 12.37
N LYS A 79 -7.09 3.30 11.65
CA LYS A 79 -6.17 2.27 12.14
C LYS A 79 -4.99 2.22 11.19
N VAL A 80 -3.76 2.15 11.73
CA VAL A 80 -2.57 2.10 10.89
C VAL A 80 -1.67 0.98 11.39
N PHE A 81 -1.17 0.15 10.48
CA PHE A 81 -0.25 -0.92 10.85
C PHE A 81 0.98 -0.83 9.99
N ILE A 82 2.16 -0.75 10.62
CA ILE A 82 3.41 -0.71 9.88
C ILE A 82 3.94 -2.14 9.79
N GLU A 83 4.23 -2.61 8.58
CA GLU A 83 4.72 -3.97 8.38
C GLU A 83 5.97 -4.30 9.22
N PHE A 84 6.06 -5.54 9.72
CA PHE A 84 7.25 -6.04 10.37
C PHE A 84 8.08 -6.58 9.20
N PRO A 85 9.30 -6.07 8.96
CA PRO A 85 10.09 -6.56 7.82
C PRO A 85 10.41 -8.06 7.81
N GLU A 86 10.47 -8.70 8.99
CA GLU A 86 10.69 -10.16 9.03
C GLU A 86 9.56 -10.96 8.35
N VAL A 87 8.37 -10.33 8.12
CA VAL A 87 7.27 -11.04 7.44
C VAL A 87 7.68 -11.44 6.01
N LEU A 88 8.55 -10.65 5.35
CA LEU A 88 9.00 -10.93 3.98
C LEU A 88 9.74 -12.25 3.87
N ASP A 89 10.45 -12.66 4.93
CA ASP A 89 11.14 -13.96 4.94
C ASP A 89 10.18 -15.14 5.23
N ILE A 90 8.96 -14.88 5.72
CA ILE A 90 7.99 -15.92 6.00
C ILE A 90 7.09 -16.14 4.78
N ILE A 91 6.67 -15.06 4.11
CA ILE A 91 5.84 -15.14 2.90
C ILE A 91 6.57 -15.88 1.76
N LEU A 92 5.94 -16.92 1.22
CA LEU A 92 6.54 -17.69 0.13
C LEU A 92 6.37 -16.99 -1.21
N TRP A 93 7.43 -17.01 -2.02
CA TRP A 93 7.33 -16.50 -3.39
C TRP A 93 6.35 -17.39 -4.20
N SER A 94 6.28 -18.71 -3.90
CA SER A 94 5.33 -19.60 -4.56
C SER A 94 3.87 -19.17 -4.27
N ASP A 95 3.58 -18.55 -3.11
CA ASP A 95 2.23 -18.06 -2.82
C ASP A 95 1.89 -16.84 -3.73
N VAL A 96 2.90 -16.03 -4.10
CA VAL A 96 2.68 -14.93 -5.04
C VAL A 96 2.41 -15.54 -6.42
N MET A 97 3.24 -16.53 -6.83
CA MET A 97 3.10 -17.17 -8.13
C MET A 97 1.75 -17.88 -8.32
N GLU A 98 1.13 -18.36 -7.22
CA GLU A 98 -0.19 -18.99 -7.37
C GLU A 98 -1.29 -17.98 -7.74
N HIS A 99 -1.07 -16.67 -7.49
CA HIS A 99 -2.06 -15.64 -7.88
C HIS A 99 -1.71 -14.92 -9.20
N ASN A 100 -0.55 -15.25 -9.78
CA ASN A 100 -0.10 -14.64 -11.00
C ASN A 100 -0.84 -15.22 -12.21
N ASP A 101 -1.29 -14.35 -13.11
CA ASP A 101 -1.92 -14.80 -14.34
C ASP A 101 -0.75 -15.23 -15.26
N SER A 102 -0.62 -16.53 -15.55
N SER A 102 -0.64 -16.55 -15.55
CA SER A 102 0.48 -17.02 -16.38
CA SER A 102 0.43 -17.11 -16.40
C SER A 102 0.44 -16.47 -17.82
C SER A 102 0.40 -16.59 -17.85
N SER A 103 -0.76 -16.12 -18.31
CA SER A 103 -0.90 -15.53 -19.65
C SER A 103 -0.49 -14.03 -19.68
N GLY A 104 -0.32 -13.41 -18.52
CA GLY A 104 0.08 -12.01 -18.42
C GLY A 104 1.46 -11.81 -19.00
N LYS A 105 1.70 -10.65 -19.59
CA LYS A 105 2.94 -10.35 -20.30
C LYS A 105 4.12 -9.92 -19.41
N ILE A 106 3.92 -9.67 -18.11
CA ILE A 106 5.02 -9.29 -17.23
C ILE A 106 5.71 -10.54 -16.69
N ASN A 107 7.05 -10.57 -16.73
CA ASN A 107 7.82 -11.68 -16.18
C ASN A 107 8.06 -11.32 -14.72
N ILE A 108 7.11 -11.72 -13.86
CA ILE A 108 7.09 -11.43 -12.43
C ILE A 108 8.35 -11.94 -11.68
N ALA A 109 8.85 -13.10 -12.07
CA ALA A 109 10.05 -13.69 -11.46
C ALA A 109 11.33 -12.90 -11.73
N LYS A 110 11.34 -12.04 -12.76
CA LYS A 110 12.52 -11.24 -13.11
C LYS A 110 12.48 -9.81 -12.57
N LEU A 111 11.43 -9.44 -11.82
CA LEU A 111 11.32 -8.09 -11.24
C LEU A 111 12.42 -7.85 -10.22
N PRO A 112 12.85 -6.58 -10.01
CA PRO A 112 13.82 -6.32 -8.94
C PRO A 112 13.26 -6.73 -7.56
N LYS A 113 14.16 -7.15 -6.64
CA LYS A 113 13.81 -7.61 -5.30
C LYS A 113 12.81 -6.72 -4.55
N ARG A 114 12.98 -5.39 -4.61
CA ARG A 114 12.07 -4.49 -3.91
C ARG A 114 10.64 -4.59 -4.42
N LEU A 115 10.46 -4.83 -5.73
CA LEU A 115 9.12 -4.99 -6.30
C LEU A 115 8.56 -6.37 -5.97
N LYS A 116 9.41 -7.40 -5.95
CA LYS A 116 8.98 -8.74 -5.54
C LYS A 116 8.48 -8.72 -4.10
N ASN A 117 9.17 -7.99 -3.23
CA ASN A 117 8.77 -7.88 -1.83
C ASN A 117 7.48 -7.04 -1.66
N LEU A 118 7.25 -6.02 -2.52
CA LEU A 118 5.98 -5.30 -2.49
C LEU A 118 4.82 -6.28 -2.87
N LEU A 119 5.05 -7.13 -3.88
CA LEU A 119 4.06 -8.16 -4.26
C LEU A 119 3.80 -9.14 -3.11
N LYS A 120 4.88 -9.57 -2.40
CA LYS A 120 4.71 -10.45 -1.22
C LYS A 120 3.81 -9.77 -0.17
N SER A 121 4.07 -8.48 0.14
CA SER A 121 3.24 -7.74 1.10
C SER A 121 1.76 -7.70 0.67
N CYS A 122 1.50 -7.41 -0.61
CA CYS A 122 0.13 -7.32 -1.12
C CYS A 122 -0.57 -8.67 -1.08
N ILE A 123 0.10 -9.74 -1.51
CA ILE A 123 -0.50 -11.08 -1.49
C ILE A 123 -0.76 -11.53 -0.04
N TYR A 124 0.15 -11.19 0.89
CA TYR A 124 0.01 -11.49 2.32
C TYR A 124 -1.31 -10.90 2.86
N LYS A 125 -1.61 -9.66 2.46
CA LYS A 125 -2.83 -9.00 2.89
C LYS A 125 -4.06 -9.49 2.12
N CYS A 126 -3.97 -9.58 0.79
CA CYS A 126 -5.12 -9.92 -0.03
C CYS A 126 -5.58 -11.33 0.12
N TYR A 127 -4.63 -12.26 0.30
CA TYR A 127 -4.96 -13.69 0.28
C TYR A 127 -4.47 -14.53 1.44
N LEU A 128 -3.41 -14.12 2.15
CA LEU A 128 -2.81 -15.00 3.16
C LEU A 128 -3.18 -14.59 4.62
N GLU A 129 -2.32 -14.87 5.62
CA GLU A 129 -2.52 -14.62 7.06
C GLU A 129 -2.71 -13.17 7.43
N GLY A 130 -2.33 -12.24 6.57
CA GLY A 130 -2.53 -10.83 6.83
C GLY A 130 -3.92 -10.35 6.46
N ASN A 131 -4.76 -11.21 5.85
CA ASN A 131 -6.08 -10.82 5.37
C ASN A 131 -7.06 -10.35 6.45
N GLU A 132 -7.19 -11.13 7.54
CA GLU A 132 -8.09 -10.86 8.67
C GLU A 132 -9.57 -10.84 8.29
N GLY A 133 -9.95 -11.52 7.22
CA GLY A 133 -11.34 -11.54 6.76
C GLY A 133 -11.81 -10.20 6.19
N LEU A 134 -10.87 -9.35 5.75
CA LEU A 134 -11.12 -8.02 5.17
C LEU A 134 -10.78 -7.98 3.68
N HIS A 135 -11.35 -7.01 2.92
CA HIS A 135 -11.03 -6.92 1.49
C HIS A 135 -10.08 -5.75 1.32
N TRP A 136 -8.90 -6.00 0.74
CA TRP A 136 -7.87 -4.96 0.64
C TRP A 136 -7.67 -4.43 -0.79
N PHE A 137 -7.30 -3.15 -0.90
CA PHE A 137 -6.97 -2.50 -2.16
C PHE A 137 -5.58 -1.87 -2.01
N LEU A 138 -4.79 -1.93 -3.09
CA LEU A 138 -3.49 -1.27 -3.12
C LEU A 138 -3.70 0.15 -3.67
N ILE A 139 -3.14 1.16 -3.01
CA ILE A 139 -3.20 2.54 -3.51
CA ILE A 139 -3.22 2.53 -3.51
C ILE A 139 -1.84 2.86 -4.09
N SER A 140 -1.81 3.25 -5.35
CA SER A 140 -0.56 3.56 -6.02
C SER A 140 -0.74 4.61 -7.11
N GLU A 141 0.32 5.36 -7.35
CA GLU A 141 0.39 6.34 -8.43
C GLU A 141 1.49 5.91 -9.44
N ASP A 142 1.91 4.63 -9.43
CA ASP A 142 2.99 4.15 -10.29
C ASP A 142 2.41 3.14 -11.27
N PRO A 143 2.46 3.42 -12.58
CA PRO A 143 1.88 2.48 -13.57
C PRO A 143 2.49 1.09 -13.54
N GLN A 144 3.83 0.99 -13.35
CA GLN A 144 4.48 -0.33 -13.31
C GLN A 144 3.94 -1.16 -12.16
N ILE A 145 3.80 -0.52 -10.99
CA ILE A 145 3.25 -1.21 -9.81
C ILE A 145 1.79 -1.63 -10.01
N ARG A 146 0.95 -0.74 -10.55
CA ARG A 146 -0.45 -1.08 -10.78
C ARG A 146 -0.59 -2.24 -11.78
N GLU A 147 0.23 -2.23 -12.84
CA GLU A 147 0.22 -3.30 -13.84
C GLU A 147 0.69 -4.66 -13.24
N MET A 148 1.79 -4.67 -12.43
CA MET A 148 2.20 -5.95 -11.82
C MET A 148 1.17 -6.43 -10.79
N ALA A 149 0.53 -5.49 -10.06
CA ALA A 149 -0.48 -5.85 -9.07
C ALA A 149 -1.69 -6.48 -9.78
N MET A 150 -2.15 -5.87 -10.89
CA MET A 150 -3.29 -6.40 -11.65
C MET A 150 -3.00 -7.81 -12.19
N GLN A 151 -1.76 -8.06 -12.65
CA GLN A 151 -1.41 -9.40 -13.13
C GLN A 151 -1.49 -10.46 -12.01
N CYS A 152 -1.21 -10.05 -10.76
CA CYS A 152 -1.30 -10.97 -9.61
C CYS A 152 -2.63 -10.86 -8.88
N ASN A 153 -3.70 -10.37 -9.55
CA ASN A 153 -5.06 -10.20 -9.01
CA ASN A 153 -5.04 -10.22 -9.00
C ASN A 153 -5.11 -9.41 -7.69
N ILE A 154 -4.35 -8.32 -7.62
CA ILE A 154 -4.35 -7.43 -6.46
C ILE A 154 -5.11 -6.21 -6.99
N PRO A 155 -6.30 -5.90 -6.46
CA PRO A 155 -7.02 -4.71 -6.94
C PRO A 155 -6.29 -3.45 -6.49
N SER A 156 -6.25 -2.45 -7.38
CA SER A 156 -5.56 -1.21 -7.05
C SER A 156 -6.36 0.02 -7.43
N SER A 158 -5.96 4.54 -7.83
CA SER A 158 -5.16 5.76 -7.83
C SER A 158 -5.71 6.66 -6.68
N ILE A 159 -5.06 7.79 -6.43
CA ILE A 159 -5.55 8.76 -5.44
C ILE A 159 -6.96 9.30 -5.88
N VAL A 160 -7.12 9.62 -7.17
CA VAL A 160 -8.39 10.11 -7.71
C VAL A 160 -9.51 9.05 -7.55
N ASP A 161 -9.19 7.75 -7.76
CA ASP A 161 -10.14 6.65 -7.60
C ASP A 161 -10.68 6.62 -6.16
N VAL A 162 -9.77 6.73 -5.18
CA VAL A 162 -10.18 6.72 -3.77
C VAL A 162 -11.01 7.93 -3.43
N ASP A 163 -10.60 9.10 -3.92
CA ASP A 163 -11.32 10.36 -3.71
C ASP A 163 -12.75 10.28 -4.20
N SER A 164 -12.99 9.51 -5.29
CA SER A 164 -14.34 9.36 -5.83
C SER A 164 -15.19 8.40 -4.97
N ILE A 165 -14.55 7.39 -4.36
CA ILE A 165 -15.21 6.39 -3.50
C ILE A 165 -15.54 7.00 -2.12
N LEU A 166 -14.72 7.93 -1.63
CA LEU A 166 -14.91 8.54 -0.32
C LEU A 166 -15.74 9.83 -0.35
N SER A 167 -15.85 10.48 -1.52
CA SER A 167 -16.62 11.72 -1.62
C SER A 167 -18.12 11.41 -1.69
#